data_4IWB
#
_entry.id   4IWB
#
_cell.length_a   61.129
_cell.length_b   66.157
_cell.length_c   97.169
_cell.angle_alpha   90.00
_cell.angle_beta   90.00
_cell.angle_gamma   90.00
#
_symmetry.space_group_name_H-M   'P 21 21 21'
#
loop_
_entity.id
_entity.type
_entity.pdbx_description
1 polymer 'FliC, FliS chimera'
2 water water
#
_entity_poly.entity_id   1
_entity_poly.type   'polypeptide(L)'
_entity_poly.pdbx_seq_one_letter_code
;GRNVDFAKEMTEFTKYQIRMQSGVAMLAQANALPQLVLQLLRGAEAYFQNQVETATPLEQIILLYDKAIECLERAIEIYD
QVNELEKRKEFVENIDRVYDIISALKSFLDHEKGKEIAKNLDTIYTIILNTLVKVDKTKEELQKILEILKDLREAWEEVK
KKVHH
;
_entity_poly.pdbx_strand_id   A,B
#
# COMPACT_ATOMS: atom_id res chain seq x y z
N GLY A 1 -6.47 14.16 -8.87
CA GLY A 1 -7.19 12.86 -8.81
C GLY A 1 -8.15 12.64 -9.98
N ARG A 2 -7.65 12.86 -11.19
CA ARG A 2 -8.43 12.74 -12.42
C ARG A 2 -9.12 11.39 -12.58
N ASN A 3 -8.37 10.31 -12.38
CA ASN A 3 -8.88 8.95 -12.55
C ASN A 3 -10.06 8.63 -11.63
N VAL A 4 -9.89 8.97 -10.35
CA VAL A 4 -10.93 8.72 -9.36
C VAL A 4 -12.15 9.62 -9.62
N ASP A 5 -11.91 10.83 -10.10
CA ASP A 5 -13.00 11.73 -10.46
C ASP A 5 -13.81 11.20 -11.63
N PHE A 6 -13.13 10.58 -12.59
CA PHE A 6 -13.75 9.90 -13.72
C PHE A 6 -14.66 8.78 -13.22
N ALA A 7 -14.17 8.02 -12.25
CA ALA A 7 -14.94 6.95 -11.63
C ALA A 7 -16.17 7.50 -10.90
N LYS A 8 -16.03 8.66 -10.26
CA LYS A 8 -17.18 9.30 -9.61
C LYS A 8 -18.30 9.62 -10.61
N GLU A 9 -17.93 10.18 -11.75
CA GLU A 9 -18.89 10.50 -12.80
C GLU A 9 -19.52 9.22 -13.38
N MET A 10 -18.68 8.21 -13.64
CA MET A 10 -19.17 6.95 -14.18
C MET A 10 -20.15 6.26 -13.22
N THR A 11 -19.89 6.38 -11.92
CA THR A 11 -20.80 5.84 -10.91
C THR A 11 -22.19 6.48 -11.01
N GLU A 12 -22.22 7.77 -11.32
CA GLU A 12 -23.49 8.50 -11.42
C GLU A 12 -24.41 7.90 -12.48
N PHE A 13 -23.87 7.60 -13.66
CA PHE A 13 -24.71 6.97 -14.68
C PHE A 13 -24.84 5.46 -14.56
N THR A 14 -23.83 4.82 -13.97
CA THR A 14 -23.90 3.36 -13.77
C THR A 14 -24.99 3.00 -12.77
N LYS A 15 -25.13 3.77 -11.70
CA LYS A 15 -26.21 3.52 -10.73
C LYS A 15 -27.59 3.72 -11.36
N TYR A 16 -27.69 4.66 -12.30
CA TYR A 16 -28.91 4.85 -13.11
C TYR A 16 -29.20 3.61 -13.96
N GLN A 17 -28.16 3.10 -14.62
CA GLN A 17 -28.31 1.92 -15.47
C GLN A 17 -28.75 0.70 -14.65
N ILE A 18 -28.18 0.56 -13.46
CA ILE A 18 -28.54 -0.52 -12.53
C ILE A 18 -30.02 -0.41 -12.12
N ARG A 19 -30.47 0.81 -11.85
CA ARG A 19 -31.88 1.09 -11.51
C ARG A 19 -32.84 0.78 -12.65
N MET A 20 -32.43 1.09 -13.88
CA MET A 20 -33.25 0.87 -15.07
C MET A 20 -33.40 -0.61 -15.42
N GLN A 21 -32.35 -1.39 -15.18
CA GLN A 21 -32.36 -2.81 -15.52
C GLN A 21 -31.80 -3.64 -14.35
N SER A 22 -32.60 -3.75 -13.29
CA SER A 22 -32.19 -4.48 -12.08
C SER A 22 -31.88 -5.96 -12.34
N GLY A 23 -32.64 -6.57 -13.25
CA GLY A 23 -32.38 -7.94 -13.70
C GLY A 23 -31.01 -8.10 -14.33
N VAL A 24 -30.72 -7.26 -15.33
CA VAL A 24 -29.40 -7.26 -15.99
C VAL A 24 -28.28 -7.02 -14.96
N ALA A 25 -28.48 -6.09 -14.03
CA ALA A 25 -27.49 -5.80 -13.00
C ALA A 25 -27.19 -7.03 -12.13
N MET A 26 -28.23 -7.74 -11.73
CA MET A 26 -28.05 -8.99 -10.99
C MET A 26 -27.26 -10.02 -11.79
N LEU A 27 -27.64 -10.22 -13.06
CA LEU A 27 -26.94 -11.15 -13.94
C LEU A 27 -25.47 -10.74 -14.09
N ALA A 28 -25.22 -9.43 -14.13
CA ALA A 28 -23.86 -8.92 -14.29
C ALA A 28 -22.99 -9.31 -13.10
N GLN A 29 -23.50 -9.14 -11.89
CA GLN A 29 -22.64 -9.11 -10.70
C GLN A 29 -22.77 -10.27 -9.72
N ALA A 30 -23.98 -10.81 -9.58
CA ALA A 30 -24.29 -11.80 -8.54
C ALA A 30 -23.83 -13.21 -8.92
N ASN A 31 -22.52 -13.34 -9.15
CA ASN A 31 -21.90 -14.59 -9.59
C ASN A 31 -20.75 -15.01 -8.68
N ALA A 32 -20.82 -14.57 -7.42
CA ALA A 32 -19.76 -14.82 -6.45
C ALA A 32 -19.60 -16.30 -6.15
N LEU A 33 -18.34 -16.71 -5.97
CA LEU A 33 -18.05 -18.06 -5.53
C LEU A 33 -18.10 -18.06 -4.01
N PRO A 34 -19.04 -18.83 -3.42
CA PRO A 34 -19.27 -18.78 -1.97
C PRO A 34 -18.01 -19.03 -1.13
N GLN A 35 -17.15 -19.95 -1.56
CA GLN A 35 -15.90 -20.24 -0.83
C GLN A 35 -15.01 -19.01 -0.74
N LEU A 36 -14.90 -18.28 -1.85
CA LEU A 36 -14.13 -17.05 -1.89
C LEU A 36 -14.77 -15.97 -1.02
N VAL A 37 -16.11 -15.89 -1.04
CA VAL A 37 -16.84 -14.94 -0.21
C VAL A 37 -16.51 -15.11 1.28
N LEU A 38 -16.59 -16.35 1.78
CA LEU A 38 -16.31 -16.63 3.18
C LEU A 38 -14.88 -16.26 3.55
N GLN A 39 -13.93 -16.61 2.69
CA GLN A 39 -12.53 -16.32 2.94
C GLN A 39 -12.27 -14.83 3.00
N LEU A 40 -12.88 -14.09 2.07
CA LEU A 40 -12.69 -12.63 2.00
C LEU A 40 -13.28 -11.94 3.22
N LEU A 41 -14.44 -12.42 3.67
CA LEU A 41 -15.09 -11.82 4.83
C LEU A 41 -14.33 -12.09 6.13
N ARG A 42 -13.73 -13.28 6.24
CA ARG A 42 -12.96 -13.62 7.42
C ARG A 42 -11.63 -12.86 7.49
N GLY A 43 -10.97 -12.71 6.34
CA GLY A 43 -9.63 -12.11 6.30
C GLY A 43 -8.66 -12.90 7.17
N ALA A 44 -7.96 -12.19 8.06
CA ALA A 44 -6.98 -12.82 8.93
C ALA A 44 -7.55 -13.27 10.29
N GLU A 45 -8.86 -13.11 10.46
CA GLU A 45 -9.52 -13.41 11.73
C GLU A 45 -9.67 -14.91 11.98
N ALA A 46 -9.93 -15.26 13.24
CA ALA A 46 -9.97 -16.66 13.66
C ALA A 46 -11.35 -17.31 13.51
N TYR A 47 -12.33 -16.54 13.05
CA TYR A 47 -13.72 -17.01 12.98
C TYR A 47 -14.42 -16.47 11.75
N PHE A 48 -15.25 -17.33 11.15
CA PHE A 48 -16.14 -16.90 10.07
C PHE A 48 -17.39 -16.25 10.68
N GLN A 49 -17.81 -15.11 10.13
CA GLN A 49 -18.97 -14.42 10.69
C GLN A 49 -20.26 -15.23 10.53
N ASN A 50 -21.20 -15.03 11.45
CA ASN A 50 -22.44 -15.82 11.50
C ASN A 50 -23.32 -15.66 10.27
N GLN A 51 -23.92 -16.79 9.88
CA GLN A 51 -25.00 -16.85 8.88
C GLN A 51 -24.63 -16.44 7.43
N VAL A 52 -23.35 -16.36 7.11
CA VAL A 52 -22.94 -16.10 5.72
C VAL A 52 -23.45 -17.20 4.79
N GLU A 53 -23.54 -18.43 5.31
CA GLU A 53 -24.00 -19.57 4.53
C GLU A 53 -25.45 -19.47 4.04
N THR A 54 -26.24 -18.63 4.72
CA THR A 54 -27.65 -18.46 4.38
C THR A 54 -27.89 -17.24 3.48
N ALA A 55 -26.83 -16.49 3.19
CA ALA A 55 -26.92 -15.33 2.29
C ALA A 55 -27.15 -15.73 0.84
N THR A 56 -28.11 -15.07 0.19
CA THR A 56 -28.38 -15.26 -1.23
C THR A 56 -27.21 -14.71 -2.08
N PRO A 57 -27.20 -14.99 -3.40
CA PRO A 57 -26.19 -14.39 -4.28
C PRO A 57 -26.08 -12.87 -4.18
N LEU A 58 -27.21 -12.15 -4.20
CA LEU A 58 -27.14 -10.69 -4.06
C LEU A 58 -26.70 -10.27 -2.67
N GLU A 59 -27.13 -11.02 -1.66
CA GLU A 59 -26.76 -10.71 -0.28
C GLU A 59 -25.25 -10.87 -0.06
N GLN A 60 -24.65 -11.84 -0.73
CA GLN A 60 -23.20 -12.03 -0.67
C GLN A 60 -22.44 -10.85 -1.28
N ILE A 61 -22.97 -10.31 -2.37
CA ILE A 61 -22.38 -9.12 -2.99
C ILE A 61 -22.44 -7.96 -1.99
N ILE A 62 -23.60 -7.79 -1.38
CA ILE A 62 -23.79 -6.72 -0.41
C ILE A 62 -22.86 -6.88 0.81
N LEU A 63 -22.70 -8.13 1.27
CA LEU A 63 -21.76 -8.42 2.37
C LEU A 63 -20.31 -8.04 2.02
N LEU A 64 -19.91 -8.29 0.78
CA LEU A 64 -18.57 -7.90 0.33
C LEU A 64 -18.42 -6.37 0.30
N TYR A 65 -19.43 -5.67 -0.23
CA TYR A 65 -19.42 -4.20 -0.16
C TYR A 65 -19.36 -3.71 1.30
N ASP A 66 -20.16 -4.31 2.17
CA ASP A 66 -20.14 -3.95 3.61
C ASP A 66 -18.72 -4.03 4.17
N LYS A 67 -18.05 -5.14 3.90
CA LYS A 67 -16.71 -5.37 4.45
C LYS A 67 -15.67 -4.42 3.85
N ALA A 68 -15.74 -4.21 2.53
CA ALA A 68 -14.84 -3.25 1.86
C ALA A 68 -15.00 -1.85 2.43
N ILE A 69 -16.26 -1.45 2.63
CA ILE A 69 -16.58 -0.13 3.19
C ILE A 69 -16.04 0.00 4.62
N GLU A 70 -16.24 -1.03 5.43
CA GLU A 70 -15.74 -1.06 6.82
C GLU A 70 -14.22 -0.89 6.87
N CYS A 71 -13.52 -1.65 6.03
CA CYS A 71 -12.05 -1.61 5.98
C CYS A 71 -11.53 -0.27 5.45
N LEU A 72 -12.17 0.24 4.39
CA LEU A 72 -11.75 1.51 3.80
C LEU A 72 -12.00 2.69 4.77
N GLU A 73 -13.13 2.65 5.47
CA GLU A 73 -13.43 3.65 6.50
C GLU A 73 -12.34 3.71 7.55
N ARG A 74 -11.93 2.53 8.03
CA ARG A 74 -10.85 2.44 9.02
C ARG A 74 -9.52 2.97 8.45
N ALA A 75 -9.21 2.59 7.21
CA ALA A 75 -7.98 3.07 6.57
C ALA A 75 -7.98 4.60 6.45
N ILE A 76 -9.13 5.18 6.12
CA ILE A 76 -9.24 6.65 6.00
C ILE A 76 -9.06 7.32 7.36
N GLU A 77 -9.63 6.71 8.39
CA GLU A 77 -9.55 7.22 9.77
C GLU A 77 -8.09 7.37 10.23
N ILE A 78 -7.24 6.42 9.83
CA ILE A 78 -5.85 6.39 10.28
C ILE A 78 -4.82 6.86 9.23
N TYR A 79 -5.30 7.35 8.08
CA TYR A 79 -4.44 7.69 6.94
C TYR A 79 -3.27 8.60 7.34
N ASP A 80 -3.57 9.65 8.09
CA ASP A 80 -2.53 10.63 8.44
C ASP A 80 -1.65 10.21 9.61
N GLN A 81 -1.91 9.02 10.17
CA GLN A 81 -1.21 8.54 11.36
C GLN A 81 -0.18 7.45 11.07
N VAL A 82 0.01 7.13 9.79
CA VAL A 82 0.89 6.02 9.38
C VAL A 82 2.39 6.18 9.67
N ASN A 83 2.79 7.32 10.21
CA ASN A 83 4.17 7.44 10.70
C ASN A 83 4.46 6.38 11.77
N GLU A 84 3.45 6.09 12.59
CA GLU A 84 3.57 5.06 13.63
C GLU A 84 3.45 3.68 13.02
N LEU A 85 4.38 2.80 13.38
CA LEU A 85 4.45 1.44 12.84
C LEU A 85 3.12 0.70 12.92
N GLU A 86 2.48 0.71 14.09
CA GLU A 86 1.23 -0.04 14.26
C GLU A 86 0.06 0.53 13.45
N LYS A 87 0.08 1.84 13.24
CA LYS A 87 -0.93 2.47 12.39
C LYS A 87 -0.69 2.15 10.92
N ARG A 88 0.57 2.20 10.48
CA ARG A 88 0.89 1.78 9.11
C ARG A 88 0.48 0.31 8.89
N LYS A 89 0.76 -0.53 9.88
CA LYS A 89 0.41 -1.95 9.81
C LYS A 89 -1.09 -2.14 9.55
N GLU A 90 -1.91 -1.48 10.35
CA GLU A 90 -3.36 -1.58 10.22
C GLU A 90 -3.86 -0.98 8.90
N PHE A 91 -3.26 0.15 8.50
CA PHE A 91 -3.60 0.79 7.24
C PHE A 91 -3.36 -0.14 6.03
N VAL A 92 -2.16 -0.70 5.96
CA VAL A 92 -1.79 -1.60 4.86
C VAL A 92 -2.68 -2.83 4.85
N GLU A 93 -2.93 -3.39 6.03
CA GLU A 93 -3.80 -4.57 6.16
C GLU A 93 -5.20 -4.29 5.61
N ASN A 94 -5.78 -3.17 6.00
CA ASN A 94 -7.11 -2.79 5.52
C ASN A 94 -7.16 -2.47 4.02
N ILE A 95 -6.18 -1.72 3.53
CA ILE A 95 -6.12 -1.40 2.10
C ILE A 95 -6.03 -2.69 1.28
N ASP A 96 -5.23 -3.64 1.77
CA ASP A 96 -5.05 -4.92 1.08
C ASP A 96 -6.37 -5.71 1.03
N ARG A 97 -7.16 -5.64 2.09
CA ARG A 97 -8.47 -6.32 2.11
C ARG A 97 -9.43 -5.68 1.11
N VAL A 98 -9.41 -4.35 1.03
CA VAL A 98 -10.24 -3.65 0.05
C VAL A 98 -9.85 -4.08 -1.36
N TYR A 99 -8.55 -4.11 -1.62
CA TYR A 99 -8.02 -4.56 -2.92
C TYR A 99 -8.52 -5.98 -3.25
N ASP A 100 -8.37 -6.89 -2.30
CA ASP A 100 -8.80 -8.29 -2.49
C ASP A 100 -10.30 -8.40 -2.80
N ILE A 101 -11.12 -7.64 -2.07
CA ILE A 101 -12.56 -7.66 -2.25
C ILE A 101 -12.96 -7.11 -3.62
N ILE A 102 -12.40 -5.95 -3.97
CA ILE A 102 -12.72 -5.32 -5.26
C ILE A 102 -12.25 -6.20 -6.43
N SER A 103 -11.07 -6.81 -6.28
N SER A 103 -11.08 -6.82 -6.29
CA SER A 103 -10.57 -7.76 -7.27
CA SER A 103 -10.57 -7.75 -7.29
C SER A 103 -11.54 -8.91 -7.49
C SER A 103 -11.53 -8.93 -7.49
N ALA A 104 -12.06 -9.46 -6.38
CA ALA A 104 -13.05 -10.55 -6.46
C ALA A 104 -14.32 -10.08 -7.14
N LEU A 105 -14.85 -8.93 -6.74
CA LEU A 105 -16.06 -8.38 -7.37
C LEU A 105 -15.89 -8.24 -8.89
N LYS A 106 -14.73 -7.75 -9.32
CA LYS A 106 -14.41 -7.60 -10.74
C LYS A 106 -14.40 -8.96 -11.43
N SER A 107 -13.84 -9.97 -10.76
CA SER A 107 -13.76 -11.34 -11.29
C SER A 107 -15.13 -12.01 -11.44
N PHE A 108 -16.13 -11.52 -10.71
CA PHE A 108 -17.48 -12.09 -10.76
C PHE A 108 -18.34 -11.55 -11.91
N LEU A 109 -17.85 -10.52 -12.60
CA LEU A 109 -18.63 -9.88 -13.65
C LEU A 109 -18.84 -10.78 -14.87
N ASP A 110 -20.11 -10.90 -15.26
CA ASP A 110 -20.52 -11.63 -16.46
C ASP A 110 -20.79 -10.60 -17.55
N HIS A 111 -19.89 -10.51 -18.52
CA HIS A 111 -19.99 -9.48 -19.56
C HIS A 111 -21.00 -9.79 -20.67
N GLU A 112 -21.20 -11.08 -20.96
CA GLU A 112 -22.17 -11.48 -21.99
C GLU A 112 -23.59 -11.09 -21.58
N LYS A 113 -23.92 -11.35 -20.32
CA LYS A 113 -25.24 -11.04 -19.76
C LYS A 113 -25.35 -9.61 -19.29
N GLY A 114 -24.26 -9.09 -18.75
CA GLY A 114 -24.26 -7.79 -18.06
C GLY A 114 -24.06 -6.57 -18.93
N LYS A 115 -23.52 -6.78 -20.13
CA LYS A 115 -23.41 -5.74 -21.15
C LYS A 115 -22.81 -4.44 -20.61
N GLU A 116 -23.49 -3.31 -20.83
CA GLU A 116 -22.95 -2.01 -20.43
C GLU A 116 -22.74 -1.86 -18.92
N ILE A 117 -23.65 -2.43 -18.13
CA ILE A 117 -23.51 -2.41 -16.67
C ILE A 117 -22.22 -3.11 -16.22
N ALA A 118 -21.96 -4.29 -16.78
CA ALA A 118 -20.75 -5.03 -16.48
C ALA A 118 -19.50 -4.28 -16.94
N LYS A 119 -19.59 -3.61 -18.11
CA LYS A 119 -18.45 -2.86 -18.64
C LYS A 119 -18.11 -1.70 -17.70
N ASN A 120 -19.13 -0.97 -17.29
CA ASN A 120 -18.92 0.19 -16.43
C ASN A 120 -18.47 -0.20 -15.02
N LEU A 121 -19.01 -1.29 -14.48
CA LEU A 121 -18.52 -1.81 -13.20
C LEU A 121 -17.06 -2.22 -13.30
N ASP A 122 -16.69 -2.90 -14.39
CA ASP A 122 -15.29 -3.28 -14.56
C ASP A 122 -14.37 -2.06 -14.57
N THR A 123 -14.80 -1.00 -15.26
CA THR A 123 -14.00 0.21 -15.36
C THR A 123 -13.84 0.86 -13.98
N ILE A 124 -14.95 0.99 -13.26
CA ILE A 124 -14.95 1.55 -11.90
C ILE A 124 -14.03 0.74 -10.98
N TYR A 125 -14.21 -0.58 -11.00
CA TYR A 125 -13.38 -1.45 -10.18
C TYR A 125 -11.89 -1.34 -10.53
N THR A 126 -11.59 -1.28 -11.83
CA THR A 126 -10.21 -1.16 -12.30
C THR A 126 -9.58 0.14 -11.80
N ILE A 127 -10.31 1.24 -11.88
CA ILE A 127 -9.81 2.53 -11.38
C ILE A 127 -9.51 2.42 -9.88
N ILE A 128 -10.42 1.78 -9.13
CA ILE A 128 -10.24 1.60 -7.69
C ILE A 128 -8.98 0.78 -7.41
N LEU A 129 -8.82 -0.33 -8.12
CA LEU A 129 -7.64 -1.19 -7.93
C LEU A 129 -6.34 -0.46 -8.24
N ASN A 130 -6.35 0.33 -9.31
CA ASN A 130 -5.16 1.09 -9.68
CA ASN A 130 -5.18 1.12 -9.70
C ASN A 130 -4.81 2.14 -8.63
N THR A 131 -5.83 2.72 -8.00
CA THR A 131 -5.63 3.74 -6.97
C THR A 131 -5.11 3.14 -5.66
N LEU A 132 -5.66 1.99 -5.28
CA LEU A 132 -5.27 1.30 -4.05
C LEU A 132 -3.80 0.91 -4.03
N VAL A 133 -3.24 0.58 -5.20
CA VAL A 133 -1.83 0.15 -5.27
C VAL A 133 -0.85 1.33 -5.43
N LYS A 134 -1.36 2.51 -5.73
CA LYS A 134 -0.53 3.71 -5.88
C LYS A 134 0.15 4.06 -4.56
N VAL A 135 1.47 4.17 -4.60
CA VAL A 135 2.25 4.47 -3.41
C VAL A 135 1.83 5.82 -2.83
N ASP A 136 1.55 6.78 -3.70
CA ASP A 136 1.19 8.13 -3.29
C ASP A 136 -0.31 8.45 -3.43
N LYS A 137 -1.15 7.43 -3.30
CA LYS A 137 -2.60 7.63 -3.24
C LYS A 137 -2.94 8.58 -2.11
N THR A 138 -3.85 9.51 -2.39
CA THR A 138 -4.17 10.56 -1.43
C THR A 138 -5.39 10.20 -0.61
N LYS A 139 -5.53 10.84 0.55
CA LYS A 139 -6.70 10.65 1.40
C LYS A 139 -7.97 11.01 0.67
N GLU A 140 -7.91 12.09 -0.12
CA GLU A 140 -9.05 12.53 -0.92
C GLU A 140 -9.50 11.45 -1.90
N GLU A 141 -8.54 10.81 -2.57
CA GLU A 141 -8.85 9.72 -3.51
C GLU A 141 -9.56 8.58 -2.79
N LEU A 142 -9.09 8.22 -1.60
CA LEU A 142 -9.72 7.15 -0.83
C LEU A 142 -11.13 7.52 -0.37
N GLN A 143 -11.33 8.79 -0.01
N GLN A 143 -11.34 8.79 -0.01
CA GLN A 143 -12.64 9.29 0.40
CA GLN A 143 -12.66 9.26 0.41
C GLN A 143 -13.66 9.22 -0.74
C GLN A 143 -13.66 9.18 -0.75
N LYS A 144 -13.21 9.56 -1.94
CA LYS A 144 -14.05 9.48 -3.14
C LYS A 144 -14.40 8.04 -3.49
N ILE A 145 -13.40 7.15 -3.37
CA ILE A 145 -13.68 5.71 -3.52
C ILE A 145 -14.71 5.20 -2.51
N LEU A 146 -14.60 5.65 -1.26
CA LEU A 146 -15.57 5.26 -0.24
C LEU A 146 -17.00 5.65 -0.64
N GLU A 147 -17.14 6.88 -1.12
CA GLU A 147 -18.43 7.37 -1.57
C GLU A 147 -18.98 6.54 -2.73
N ILE A 148 -18.09 6.18 -3.66
CA ILE A 148 -18.45 5.30 -4.79
C ILE A 148 -19.00 3.97 -4.29
N LEU A 149 -18.27 3.34 -3.35
CA LEU A 149 -18.71 2.04 -2.81
C LEU A 149 -20.03 2.15 -2.05
N LYS A 150 -20.22 3.24 -1.31
CA LYS A 150 -21.48 3.42 -0.58
C LYS A 150 -22.65 3.61 -1.53
N ASP A 151 -22.42 4.39 -2.59
CA ASP A 151 -23.44 4.63 -3.62
C ASP A 151 -23.80 3.33 -4.36
N LEU A 152 -22.78 2.56 -4.74
CA LEU A 152 -23.01 1.27 -5.39
C LEU A 152 -23.69 0.25 -4.46
N ARG A 153 -23.27 0.21 -3.20
CA ARG A 153 -23.97 -0.66 -2.23
C ARG A 153 -25.47 -0.34 -2.16
N GLU A 154 -25.80 0.96 -2.08
CA GLU A 154 -27.20 1.40 -2.08
C GLU A 154 -27.92 0.89 -3.34
N ALA A 155 -27.25 0.98 -4.49
CA ALA A 155 -27.81 0.45 -5.74
C ALA A 155 -28.10 -1.06 -5.63
N TRP A 156 -27.17 -1.83 -5.09
CA TRP A 156 -27.36 -3.28 -4.91
C TRP A 156 -28.50 -3.60 -3.95
N GLU A 157 -28.63 -2.81 -2.90
N GLU A 157 -28.62 -2.80 -2.89
CA GLU A 157 -29.73 -2.96 -1.95
CA GLU A 157 -29.72 -2.94 -1.93
C GLU A 157 -31.08 -2.77 -2.63
C GLU A 157 -31.09 -2.75 -2.60
N GLU A 158 -31.16 -1.80 -3.54
CA GLU A 158 -32.38 -1.56 -4.33
C GLU A 158 -32.67 -2.70 -5.32
N VAL A 159 -31.61 -3.23 -5.93
CA VAL A 159 -31.75 -4.40 -6.80
C VAL A 159 -32.33 -5.58 -6.01
N LYS A 160 -31.78 -5.84 -4.83
CA LYS A 160 -32.27 -6.91 -3.96
C LYS A 160 -33.76 -6.72 -3.65
N LYS A 161 -34.13 -5.49 -3.27
CA LYS A 161 -35.54 -5.17 -2.97
C LYS A 161 -36.47 -5.45 -4.15
N LYS A 162 -36.04 -5.03 -5.34
CA LYS A 162 -36.83 -5.24 -6.57
C LYS A 162 -36.98 -6.70 -6.95
N VAL A 163 -35.92 -7.49 -6.78
CA VAL A 163 -35.94 -8.93 -7.06
C VAL A 163 -36.87 -9.67 -6.07
N HIS A 164 -36.82 -9.27 -4.80
CA HIS A 164 -37.60 -9.95 -3.76
C HIS A 164 -39.00 -9.37 -3.53
N HIS A 165 -39.26 -8.18 -4.08
CA HIS A 165 -40.58 -7.55 -3.97
C HIS A 165 -40.91 -6.71 -5.21
N GLY B 1 6.48 -7.87 -10.19
CA GLY B 1 5.06 -8.00 -9.78
C GLY B 1 4.79 -7.43 -8.39
N ARG B 2 5.67 -7.74 -7.45
CA ARG B 2 5.54 -7.27 -6.07
C ARG B 2 5.83 -5.78 -5.96
N ASN B 3 5.43 -5.16 -4.85
CA ASN B 3 5.71 -3.75 -4.68
C ASN B 3 7.20 -3.48 -4.48
N VAL B 4 7.91 -4.44 -3.86
CA VAL B 4 9.37 -4.36 -3.77
C VAL B 4 10.02 -4.38 -5.16
N ASP B 5 9.40 -5.10 -6.10
CA ASP B 5 9.90 -5.13 -7.47
C ASP B 5 9.80 -3.75 -8.12
N PHE B 6 8.70 -3.04 -7.88
CA PHE B 6 8.58 -1.65 -8.32
C PHE B 6 9.67 -0.78 -7.69
N ALA B 7 9.92 -0.96 -6.41
CA ALA B 7 10.97 -0.21 -5.71
C ALA B 7 12.35 -0.51 -6.31
N LYS B 8 12.58 -1.77 -6.69
CA LYS B 8 13.83 -2.16 -7.35
C LYS B 8 14.08 -1.38 -8.66
N GLU B 9 13.05 -1.27 -9.49
CA GLU B 9 13.16 -0.49 -10.73
C GLU B 9 13.32 1.01 -10.46
N MET B 10 12.56 1.52 -9.49
CA MET B 10 12.68 2.94 -9.10
C MET B 10 14.09 3.26 -8.60
N THR B 11 14.74 2.30 -7.94
CA THR B 11 16.08 2.47 -7.43
C THR B 11 17.08 2.69 -8.57
N GLU B 12 16.87 1.99 -9.68
CA GLU B 12 17.69 2.17 -10.88
C GLU B 12 17.59 3.59 -11.43
N PHE B 13 16.37 4.12 -11.54
CA PHE B 13 16.16 5.49 -11.97
C PHE B 13 16.81 6.48 -11.02
N THR B 14 16.64 6.24 -9.71
CA THR B 14 17.10 7.16 -8.68
C THR B 14 18.63 7.19 -8.57
N LYS B 15 19.26 6.01 -8.66
CA LYS B 15 20.72 5.94 -8.71
C LYS B 15 21.30 6.79 -9.83
N TYR B 16 20.70 6.69 -11.02
CA TYR B 16 21.12 7.49 -12.16
C TYR B 16 21.01 8.98 -11.84
N GLN B 17 19.86 9.35 -11.26
CA GLN B 17 19.60 10.75 -10.92
C GLN B 17 20.58 11.30 -9.89
N ILE B 18 20.92 10.50 -8.88
CA ILE B 18 21.90 10.89 -7.85
C ILE B 18 23.28 11.12 -8.48
N ARG B 19 23.70 10.20 -9.35
CA ARG B 19 24.99 10.29 -10.04
C ARG B 19 25.10 11.50 -10.98
N MET B 20 23.98 11.86 -11.61
CA MET B 20 23.96 12.97 -12.56
C MET B 20 23.82 14.32 -11.88
N GLN B 21 23.20 14.33 -10.72
CA GLN B 21 22.85 15.57 -10.03
C GLN B 21 23.21 15.51 -8.54
N SER B 22 24.50 15.47 -8.24
CA SER B 22 24.97 15.35 -6.86
C SER B 22 24.44 16.48 -5.96
N GLY B 23 24.37 17.70 -6.51
CA GLY B 23 23.87 18.86 -5.77
C GLY B 23 22.42 18.69 -5.34
N VAL B 24 21.55 18.39 -6.30
CA VAL B 24 20.13 18.13 -6.05
C VAL B 24 19.97 16.98 -5.04
N ALA B 25 20.74 15.91 -5.23
CA ALA B 25 20.67 14.75 -4.34
C ALA B 25 20.95 15.11 -2.89
N MET B 26 21.96 15.97 -2.68
CA MET B 26 22.31 16.42 -1.34
C MET B 26 21.22 17.32 -0.77
N LEU B 27 20.74 18.25 -1.59
CA LEU B 27 19.61 19.10 -1.18
C LEU B 27 18.40 18.25 -0.80
N ALA B 28 18.18 17.17 -1.55
CA ALA B 28 17.03 16.29 -1.30
C ALA B 28 17.13 15.60 0.05
N GLN B 29 18.28 15.01 0.33
CA GLN B 29 18.40 14.04 1.41
C GLN B 29 19.20 14.46 2.65
N ALA B 30 20.23 15.29 2.46
CA ALA B 30 21.19 15.55 3.53
C ALA B 30 20.72 16.62 4.53
N ASN B 31 19.56 16.35 5.13
CA ASN B 31 18.90 17.28 6.03
C ASN B 31 18.58 16.67 7.39
N ALA B 32 19.40 15.70 7.80
CA ALA B 32 19.21 14.98 9.06
C ALA B 32 19.31 15.90 10.27
N LEU B 33 18.51 15.58 11.28
CA LEU B 33 18.60 16.25 12.58
C LEU B 33 19.57 15.43 13.45
N PRO B 34 20.72 16.03 13.82
CA PRO B 34 21.80 15.33 14.51
C PRO B 34 21.37 14.55 15.76
N GLN B 35 20.47 15.15 16.54
CA GLN B 35 19.95 14.51 17.76
C GLN B 35 19.20 13.21 17.45
N LEU B 36 18.40 13.21 16.39
CA LEU B 36 17.68 12.02 15.98
C LEU B 36 18.63 10.94 15.45
N VAL B 37 19.63 11.36 14.71
CA VAL B 37 20.66 10.44 14.19
C VAL B 37 21.31 9.70 15.35
N LEU B 38 21.72 10.44 16.39
CA LEU B 38 22.35 9.84 17.55
C LEU B 38 21.44 8.82 18.24
N GLN B 39 20.17 9.18 18.42
CA GLN B 39 19.16 8.27 19.01
C GLN B 39 19.00 6.98 18.21
N LEU B 40 18.96 7.10 16.88
CA LEU B 40 18.78 5.95 16.01
C LEU B 40 20.00 5.04 15.97
N LEU B 41 21.18 5.63 16.13
CA LEU B 41 22.41 4.84 16.07
C LEU B 41 22.73 4.13 17.39
N ARG B 42 22.07 4.56 18.46
CA ARG B 42 22.29 3.98 19.80
C ARG B 42 21.33 2.84 20.12
N VAL B 52 30.93 10.52 13.13
CA VAL B 52 29.98 10.09 14.15
C VAL B 52 29.48 11.30 14.93
N GLU B 53 30.42 12.12 15.39
CA GLU B 53 30.13 13.41 16.02
C GLU B 53 30.75 14.52 15.17
N THR B 54 31.86 14.17 14.51
CA THR B 54 32.50 15.01 13.52
C THR B 54 31.78 14.90 12.17
N ALA B 55 30.63 14.23 12.17
CA ALA B 55 29.93 13.85 10.94
C ALA B 55 29.26 15.00 10.21
N THR B 56 29.59 15.13 8.93
CA THR B 56 28.92 16.03 8.02
C THR B 56 27.51 15.52 7.72
N PRO B 57 26.64 16.38 7.15
CA PRO B 57 25.29 15.96 6.79
C PRO B 57 25.23 14.69 5.93
N LEU B 58 26.09 14.61 4.91
CA LEU B 58 26.12 13.42 4.05
C LEU B 58 26.64 12.18 4.80
N GLU B 59 27.64 12.38 5.65
CA GLU B 59 28.16 11.29 6.50
C GLU B 59 27.08 10.73 7.42
N GLN B 60 26.26 11.61 7.97
CA GLN B 60 25.15 11.20 8.84
C GLN B 60 24.15 10.30 8.09
N ILE B 61 23.86 10.65 6.84
CA ILE B 61 22.98 9.83 5.99
C ILE B 61 23.59 8.44 5.78
N ILE B 62 24.88 8.42 5.44
CA ILE B 62 25.57 7.14 5.21
C ILE B 62 25.59 6.28 6.48
N LEU B 63 25.83 6.90 7.63
CA LEU B 63 25.77 6.19 8.92
C LEU B 63 24.42 5.52 9.16
N LEU B 64 23.33 6.25 8.87
CA LEU B 64 21.97 5.70 8.98
C LEU B 64 21.76 4.52 8.04
N TYR B 65 22.20 4.65 6.80
CA TYR B 65 22.16 3.52 5.86
C TYR B 65 22.95 2.33 6.40
N ASP B 66 24.16 2.61 6.91
CA ASP B 66 25.02 1.58 7.51
C ASP B 66 24.27 0.77 8.57
N LYS B 67 23.62 1.47 9.49
CA LYS B 67 22.90 0.85 10.59
C LYS B 67 21.65 0.08 10.13
N ALA B 68 20.88 0.67 9.24
CA ALA B 68 19.72 0.00 8.67
C ALA B 68 20.12 -1.30 7.99
N ILE B 69 21.22 -1.25 7.23
CA ILE B 69 21.75 -2.43 6.52
C ILE B 69 22.21 -3.50 7.50
N GLU B 70 22.95 -3.09 8.53
CA GLU B 70 23.38 -4.00 9.61
C GLU B 70 22.18 -4.72 10.23
N CYS B 71 21.17 -3.96 10.63
CA CYS B 71 19.98 -4.51 11.28
C CYS B 71 19.15 -5.42 10.37
N LEU B 72 18.97 -5.00 9.12
CA LEU B 72 18.21 -5.80 8.16
C LEU B 72 18.93 -7.10 7.81
N GLU B 73 20.26 -7.05 7.67
CA GLU B 73 21.06 -8.27 7.44
C GLU B 73 20.85 -9.26 8.58
N ARG B 74 20.87 -8.76 9.81
CA ARG B 74 20.62 -9.60 10.99
C ARG B 74 19.22 -10.22 10.96
N ALA B 75 18.20 -9.42 10.63
CA ALA B 75 16.83 -9.92 10.54
C ALA B 75 16.71 -11.05 9.51
N ILE B 76 17.32 -10.85 8.34
CA ILE B 76 17.33 -11.86 7.28
C ILE B 76 18.03 -13.15 7.74
N GLU B 77 19.16 -12.98 8.43
CA GLU B 77 19.94 -14.10 8.96
C GLU B 77 19.12 -15.02 9.87
N ILE B 78 18.26 -14.43 10.70
CA ILE B 78 17.51 -15.19 11.69
C ILE B 78 16.02 -15.39 11.36
N TYR B 79 15.59 -14.92 10.19
CA TYR B 79 14.22 -15.06 9.71
C TYR B 79 13.68 -16.48 9.90
N ASP B 80 14.47 -17.46 9.47
CA ASP B 80 14.05 -18.87 9.49
C ASP B 80 14.20 -19.52 10.87
N GLN B 81 14.77 -18.78 11.81
CA GLN B 81 15.07 -19.29 13.16
C GLN B 81 14.10 -18.76 14.23
N VAL B 82 13.05 -18.07 13.80
CA VAL B 82 12.12 -17.42 14.74
C VAL B 82 11.28 -18.38 15.60
N ASN B 83 11.44 -19.69 15.40
CA ASN B 83 10.84 -20.68 16.29
C ASN B 83 11.48 -20.65 17.68
N GLU B 84 12.70 -20.13 17.76
CA GLU B 84 13.38 -19.89 19.04
C GLU B 84 12.93 -18.54 19.57
N LEU B 85 12.42 -18.52 20.80
CA LEU B 85 11.82 -17.31 21.37
C LEU B 85 12.73 -16.07 21.34
N GLU B 86 13.99 -16.25 21.71
CA GLU B 86 14.94 -15.14 21.75
C GLU B 86 15.29 -14.64 20.34
N LYS B 87 15.21 -15.53 19.35
CA LYS B 87 15.42 -15.15 17.95
C LYS B 87 14.26 -14.32 17.41
N ARG B 88 13.03 -14.70 17.77
CA ARG B 88 11.84 -13.93 17.35
C ARG B 88 11.88 -12.51 17.92
N LYS B 89 12.29 -12.40 19.18
CA LYS B 89 12.45 -11.10 19.84
C LYS B 89 13.50 -10.24 19.17
N GLU B 90 14.66 -10.84 18.88
CA GLU B 90 15.75 -10.15 18.17
C GLU B 90 15.31 -9.70 16.77
N PHE B 91 14.56 -10.55 16.07
CA PHE B 91 14.07 -10.24 14.74
C PHE B 91 13.19 -8.98 14.75
N VAL B 92 12.21 -8.98 15.66
CA VAL B 92 11.31 -7.84 15.80
C VAL B 92 12.07 -6.55 16.12
N GLU B 93 13.03 -6.65 17.05
CA GLU B 93 13.82 -5.49 17.44
C GLU B 93 14.60 -4.90 16.28
N ASN B 94 15.17 -5.79 15.45
CA ASN B 94 15.92 -5.33 14.29
C ASN B 94 15.04 -4.74 13.19
N ILE B 95 13.90 -5.39 12.90
CA ILE B 95 12.94 -4.83 11.94
C ILE B 95 12.45 -3.46 12.40
N ASP B 96 12.14 -3.32 13.69
CA ASP B 96 11.69 -2.04 14.22
C ASP B 96 12.74 -0.93 14.04
N ARG B 97 14.02 -1.27 14.22
CA ARG B 97 15.10 -0.30 14.01
C ARG B 97 15.19 0.12 12.54
N VAL B 98 15.08 -0.85 11.64
CA VAL B 98 15.05 -0.53 10.21
C VAL B 98 13.87 0.41 9.91
N TYR B 99 12.69 0.07 10.45
CA TYR B 99 11.51 0.91 10.28
C TYR B 99 11.77 2.36 10.74
N ASP B 100 12.34 2.50 11.93
CA ASP B 100 12.65 3.82 12.50
C ASP B 100 13.65 4.61 11.65
N ILE B 101 14.69 3.94 11.16
CA ILE B 101 15.71 4.62 10.35
C ILE B 101 15.15 5.07 9.00
N ILE B 102 14.44 4.18 8.31
CA ILE B 102 13.85 4.52 7.02
C ILE B 102 12.82 5.66 7.15
N SER B 103 12.01 5.60 8.20
N SER B 103 12.02 5.60 8.21
CA SER B 103 11.06 6.65 8.53
CA SER B 103 11.06 6.66 8.51
C SER B 103 11.77 8.00 8.67
C SER B 103 11.74 8.01 8.72
N ALA B 104 12.88 7.99 9.41
CA ALA B 104 13.68 9.22 9.63
C ALA B 104 14.26 9.74 8.33
N LEU B 105 14.84 8.85 7.53
CA LEU B 105 15.36 9.24 6.22
C LEU B 105 14.29 9.88 5.34
N LYS B 106 13.10 9.29 5.32
CA LYS B 106 11.96 9.85 4.59
C LYS B 106 11.58 11.24 5.12
N SER B 107 11.57 11.38 6.44
CA SER B 107 11.27 12.67 7.10
C SER B 107 12.26 13.79 6.76
N PHE B 108 13.49 13.42 6.37
CA PHE B 108 14.54 14.39 6.04
C PHE B 108 14.46 14.93 4.61
N LEU B 109 13.57 14.35 3.80
CA LEU B 109 13.50 14.73 2.38
C LEU B 109 12.96 16.14 2.16
N ASP B 110 13.67 16.92 1.36
CA ASP B 110 13.24 18.27 1.02
C ASP B 110 12.60 18.23 -0.38
N HIS B 111 11.27 18.28 -0.41
CA HIS B 111 10.55 18.16 -1.68
C HIS B 111 10.51 19.44 -2.51
N GLU B 112 10.90 20.56 -1.90
CA GLU B 112 11.03 21.82 -2.63
C GLU B 112 12.32 21.83 -3.46
N LYS B 113 13.45 21.64 -2.80
CA LYS B 113 14.75 21.75 -3.46
C LYS B 113 15.22 20.45 -4.09
N GLY B 114 14.65 19.34 -3.64
CA GLY B 114 15.10 18.01 -4.05
C GLY B 114 14.49 17.46 -5.32
N LYS B 115 13.49 18.15 -5.85
CA LYS B 115 12.89 17.83 -7.15
C LYS B 115 12.52 16.36 -7.27
N GLU B 116 12.86 15.73 -8.40
CA GLU B 116 12.43 14.36 -8.66
C GLU B 116 13.20 13.33 -7.82
N ILE B 117 14.40 13.70 -7.36
CA ILE B 117 15.16 12.81 -6.47
C ILE B 117 14.45 12.65 -5.13
N ALA B 118 13.97 13.74 -4.57
CA ALA B 118 13.19 13.68 -3.32
C ALA B 118 11.92 12.85 -3.52
N LYS B 119 11.23 13.09 -4.63
CA LYS B 119 10.00 12.34 -4.94
C LYS B 119 10.27 10.83 -5.03
N ASN B 120 11.34 10.46 -5.74
CA ASN B 120 11.63 9.05 -5.96
C ASN B 120 12.12 8.34 -4.69
N LEU B 121 12.94 9.03 -3.90
CA LEU B 121 13.34 8.49 -2.60
C LEU B 121 12.12 8.29 -1.70
N ASP B 122 11.19 9.25 -1.71
CA ASP B 122 9.97 9.12 -0.91
C ASP B 122 9.19 7.86 -1.32
N THR B 123 9.06 7.63 -2.62
CA THR B 123 8.39 6.44 -3.12
C THR B 123 9.07 5.15 -2.65
N ILE B 124 10.39 5.09 -2.80
CA ILE B 124 11.15 3.92 -2.40
C ILE B 124 11.03 3.66 -0.90
N TYR B 125 11.20 4.72 -0.10
CA TYR B 125 11.13 4.54 1.35
C TYR B 125 9.72 4.11 1.77
N THR B 126 8.70 4.68 1.13
CA THR B 126 7.32 4.33 1.47
C THR B 126 7.04 2.85 1.21
N ILE B 127 7.51 2.36 0.06
CA ILE B 127 7.38 0.94 -0.27
C ILE B 127 8.07 0.06 0.77
N ILE B 128 9.29 0.45 1.15
CA ILE B 128 10.02 -0.27 2.20
C ILE B 128 9.21 -0.31 3.50
N LEU B 129 8.71 0.85 3.96
CA LEU B 129 7.95 0.92 5.20
C LEU B 129 6.69 0.05 5.15
N ASN B 130 5.97 0.12 4.03
CA ASN B 130 4.74 -0.66 3.83
C ASN B 130 4.99 -2.15 3.83
N THR B 131 6.22 -2.53 3.48
CA THR B 131 6.60 -3.94 3.47
C THR B 131 7.00 -4.43 4.85
N LEU B 132 7.78 -3.61 5.57
CA LEU B 132 8.29 -3.98 6.89
C LEU B 132 7.18 -4.25 7.91
N VAL B 133 6.04 -3.59 7.76
CA VAL B 133 4.95 -3.72 8.73
C VAL B 133 4.09 -4.98 8.58
N LYS B 134 4.21 -5.66 7.43
CA LYS B 134 3.40 -6.83 7.14
C LYS B 134 3.79 -8.04 7.98
N VAL B 135 2.80 -8.69 8.59
CA VAL B 135 3.04 -9.90 9.38
C VAL B 135 3.53 -11.05 8.50
N ASP B 136 3.12 -11.04 7.24
CA ASP B 136 3.45 -12.10 6.29
C ASP B 136 4.55 -11.74 5.28
N LYS B 137 5.36 -10.73 5.59
CA LYS B 137 6.50 -10.40 4.76
C LYS B 137 7.43 -11.61 4.64
N THR B 138 7.96 -11.82 3.43
CA THR B 138 8.83 -12.94 3.14
C THR B 138 10.30 -12.57 3.31
N LYS B 139 11.15 -13.58 3.51
CA LYS B 139 12.60 -13.38 3.54
C LYS B 139 13.06 -12.77 2.22
N GLU B 140 12.46 -13.22 1.12
CA GLU B 140 12.77 -12.74 -0.22
C GLU B 140 12.52 -11.24 -0.38
N GLU B 141 11.41 -10.76 0.18
CA GLU B 141 11.08 -9.33 0.17
C GLU B 141 12.13 -8.54 0.97
N LEU B 142 12.50 -9.07 2.13
CA LEU B 142 13.51 -8.42 2.96
C LEU B 142 14.87 -8.32 2.25
N GLN B 143 15.23 -9.38 1.54
N GLN B 143 15.24 -9.39 1.54
CA GLN B 143 16.48 -9.40 0.78
CA GLN B 143 16.49 -9.43 0.77
C GLN B 143 16.50 -8.41 -0.38
C GLN B 143 16.51 -8.41 -0.38
N LYS B 144 15.36 -8.23 -1.04
CA LYS B 144 15.24 -7.22 -2.11
C LYS B 144 15.37 -5.81 -1.53
N ILE B 145 14.78 -5.58 -0.36
CA ILE B 145 14.96 -4.30 0.35
C ILE B 145 16.43 -4.08 0.69
N LEU B 146 17.11 -5.14 1.14
CA LEU B 146 18.53 -5.04 1.48
C LEU B 146 19.36 -4.60 0.28
N GLU B 147 19.08 -5.20 -0.88
CA GLU B 147 19.78 -4.88 -2.13
C GLU B 147 19.56 -3.40 -2.50
N ILE B 148 18.31 -2.95 -2.35
CA ILE B 148 17.94 -1.56 -2.58
C ILE B 148 18.77 -0.63 -1.69
N LEU B 149 18.84 -0.93 -0.39
CA LEU B 149 19.56 -0.07 0.53
C LEU B 149 21.06 -0.07 0.28
N LYS B 150 21.63 -1.24 -0.06
CA LYS B 150 23.05 -1.32 -0.41
C LYS B 150 23.37 -0.51 -1.66
N ASP B 151 22.48 -0.57 -2.66
CA ASP B 151 22.66 0.18 -3.90
C ASP B 151 22.56 1.68 -3.65
N LEU B 152 21.60 2.09 -2.82
CA LEU B 152 21.47 3.50 -2.48
C LEU B 152 22.62 4.00 -1.61
N ARG B 153 23.06 3.19 -0.66
CA ARG B 153 24.22 3.56 0.15
C ARG B 153 25.43 3.81 -0.77
N GLU B 154 25.62 2.94 -1.75
CA GLU B 154 26.72 3.10 -2.69
C GLU B 154 26.61 4.39 -3.49
N ALA B 155 25.39 4.76 -3.85
CA ALA B 155 25.15 6.04 -4.52
C ALA B 155 25.56 7.22 -3.65
N TRP B 156 25.23 7.16 -2.35
CA TRP B 156 25.60 8.24 -1.42
C TRP B 156 27.11 8.29 -1.17
N GLU B 157 27.73 7.12 -1.10
CA GLU B 157 29.19 7.05 -0.92
C GLU B 157 29.92 7.60 -2.14
N GLU B 158 29.33 7.42 -3.33
CA GLU B 158 29.90 7.96 -4.55
CA GLU B 158 29.86 7.96 -4.58
C GLU B 158 29.80 9.48 -4.57
N VAL B 159 28.69 10.03 -4.06
CA VAL B 159 28.54 11.48 -3.95
C VAL B 159 29.61 12.03 -3.00
N LYS B 160 29.83 11.34 -1.89
CA LYS B 160 30.84 11.75 -0.90
C LYS B 160 32.24 11.82 -1.51
N LYS B 161 32.60 10.78 -2.27
CA LYS B 161 33.88 10.76 -2.99
C LYS B 161 34.01 11.92 -3.99
N LYS B 162 32.91 12.19 -4.72
CA LYS B 162 32.88 13.27 -5.73
C LYS B 162 33.10 14.64 -5.09
N VAL B 163 32.46 14.85 -3.93
CA VAL B 163 32.57 16.11 -3.20
C VAL B 163 34.03 16.43 -2.87
N HIS B 164 34.79 15.40 -2.57
CA HIS B 164 36.20 15.55 -2.18
C HIS B 164 37.22 15.28 -3.29
N HIS B 165 36.74 14.79 -4.44
CA HIS B 165 37.57 14.40 -5.59
C HIS B 165 38.75 15.33 -5.88
#